data_2YJ2
#
_entry.id   2YJ2
#
_cell.length_a   45.883
_cell.length_b   57.147
_cell.length_c   75.599
_cell.angle_alpha   90.00
_cell.angle_beta   90.00
_cell.angle_gamma   90.00
#
_symmetry.space_group_name_H-M   'P 21 21 21'
#
loop_
_entity.id
_entity.type
_entity.pdbx_description
1 polymer 'CATHEPSIN L1'
2 non-polymer (2S,4R)-1-[1-(4-BROMOPHENYL)CYCLOPROPYL]CARBONYL-4-(2-CHLOROPHENYL)SULFONYL-N-[1-(IMINOMETHYL)CYCLOPROPYL]PYRROLIDINE-2-CARBOXAMIDE
3 non-polymer GLYCEROL
4 water water
#
_entity_poly.entity_id   1
_entity_poly.type   'polypeptide(L)'
_entity_poly.pdbx_seq_one_letter_code
;APRSVDWREKGYVTPVKNQGQCGSCWAFSATGALEGQMFRKTGRLISLSEQNLVDCSGPQGNEGCNGGLMDYAFQYVQDN
GGLDSEESYPYEATEESCKYNPKYSVANDTGFVDIPKQEKALMKAVATVGPISVAIDAGHESFLFYKEGIYFEPDCSSED
MDHGVLVVGYGFESTESDNNKYWLVKNSWGEEWGMGGYVKMAKDRRNHCGIASAASYPTV
;
_entity_poly.pdbx_strand_id   A
#
# COMPACT_ATOMS: atom_id res chain seq x y z
N ALA A 1 -21.48 -4.95 0.42
CA ALA A 1 -20.39 -4.44 -0.46
C ALA A 1 -20.55 -5.05 -1.86
N PRO A 2 -20.08 -4.33 -2.90
CA PRO A 2 -20.03 -4.93 -4.24
C PRO A 2 -19.30 -6.28 -4.22
N ARG A 3 -19.59 -7.13 -5.20
CA ARG A 3 -18.90 -8.42 -5.28
C ARG A 3 -17.46 -8.24 -5.76
N SER A 4 -17.20 -7.17 -6.50
N SER A 4 -17.20 -7.15 -6.49
CA SER A 4 -15.85 -6.84 -6.90
CA SER A 4 -15.88 -6.84 -7.02
C SER A 4 -15.68 -5.32 -6.90
C SER A 4 -15.66 -5.33 -7.02
N VAL A 5 -14.43 -4.91 -6.69
CA VAL A 5 -14.04 -3.50 -6.65
C VAL A 5 -12.66 -3.41 -7.29
N ASP A 6 -12.42 -2.37 -8.07
CA ASP A 6 -11.10 -2.09 -8.61
C ASP A 6 -10.94 -0.60 -8.77
N TRP A 7 -10.27 0.01 -7.79
CA TRP A 7 -10.14 1.45 -7.78
C TRP A 7 -9.25 2.00 -8.91
N ARG A 8 -8.46 1.14 -9.55
CA ARG A 8 -7.68 1.55 -10.73
C ARG A 8 -8.57 2.08 -11.84
N GLU A 9 -9.70 1.40 -12.03
CA GLU A 9 -10.68 1.77 -13.04
C GLU A 9 -11.32 3.13 -12.82
N LYS A 10 -11.27 3.60 -11.56
CA LYS A 10 -11.85 4.87 -11.18
C LYS A 10 -10.81 5.99 -11.10
N GLY A 11 -9.55 5.71 -11.46
CA GLY A 11 -8.51 6.74 -11.53
C GLY A 11 -7.77 7.05 -10.23
N TYR A 12 -7.89 6.17 -9.25
CA TYR A 12 -7.35 6.41 -7.90
C TYR A 12 -5.89 6.02 -7.72
N VAL A 13 -5.28 5.36 -8.70
CA VAL A 13 -4.04 4.63 -8.49
C VAL A 13 -2.99 5.04 -9.51
N THR A 14 -1.82 5.41 -9.03
CA THR A 14 -0.74 5.77 -9.92
C THR A 14 -0.11 4.49 -10.46
N PRO A 15 0.70 4.61 -11.53
CA PRO A 15 1.41 3.43 -12.03
C PRO A 15 2.29 2.79 -10.95
N VAL A 16 2.66 1.55 -11.16
CA VAL A 16 3.53 0.81 -10.24
C VAL A 16 4.92 1.44 -10.23
N LYS A 17 5.45 1.55 -9.01
CA LYS A 17 6.76 2.14 -8.77
C LYS A 17 7.69 1.03 -8.30
N ASN A 18 8.96 1.38 -8.08
CA ASN A 18 9.98 0.40 -7.75
C ASN A 18 10.86 0.95 -6.65
N GLN A 19 10.75 0.36 -5.46
CA GLN A 19 11.51 0.82 -4.30
C GLN A 19 13.02 0.53 -4.41
N GLY A 20 13.42 -0.35 -5.35
CA GLY A 20 14.82 -0.67 -5.44
C GLY A 20 15.32 -1.40 -4.19
N GLN A 21 16.63 -1.27 -3.93
CA GLN A 21 17.28 -1.90 -2.77
CA GLN A 21 17.28 -1.90 -2.77
C GLN A 21 17.32 -0.97 -1.57
N CYS A 22 16.17 -0.40 -1.27
CA CYS A 22 15.92 0.35 -0.07
C CYS A 22 14.68 -0.28 0.56
N GLY A 23 14.74 -0.45 1.87
CA GLY A 23 13.62 -1.02 2.66
C GLY A 23 12.52 -0.01 2.97
N SER A 24 11.96 0.55 1.88
CA SER A 24 11.00 1.65 1.91
C SER A 24 9.60 1.23 1.47
N CYS A 25 9.31 -0.06 1.51
CA CYS A 25 7.97 -0.55 1.14
C CYS A 25 6.84 0.23 1.84
N TRP A 26 7.03 0.49 3.14
CA TRP A 26 6.07 1.26 3.93
C TRP A 26 5.77 2.64 3.33
N ALA A 27 6.78 3.28 2.76
CA ALA A 27 6.61 4.61 2.19
C ALA A 27 5.78 4.54 0.91
N PHE A 28 5.99 3.51 0.09
CA PHE A 28 5.21 3.27 -1.12
C PHE A 28 3.76 2.90 -0.76
N SER A 29 3.56 2.11 0.28
CA SER A 29 2.22 1.80 0.70
C SER A 29 1.51 3.07 1.14
N ALA A 30 2.21 3.90 1.92
CA ALA A 30 1.62 5.13 2.43
C ALA A 30 1.33 6.14 1.34
N THR A 31 2.24 6.32 0.38
CA THR A 31 1.95 7.25 -0.72
C THR A 31 0.80 6.72 -1.53
N GLY A 32 0.71 5.41 -1.75
CA GLY A 32 -0.40 4.89 -2.52
C GLY A 32 -1.73 5.18 -1.86
N ALA A 33 -1.81 4.98 -0.56
CA ALA A 33 -3.07 5.24 0.13
C ALA A 33 -3.41 6.73 0.10
N LEU A 34 -2.40 7.58 0.29
N LEU A 34 -2.40 7.58 0.32
CA LEU A 34 -2.64 9.02 0.27
CA LEU A 34 -2.61 9.04 0.27
C LEU A 34 -2.99 9.52 -1.13
C LEU A 34 -2.98 9.52 -1.12
N GLU A 35 -2.38 8.93 -2.16
CA GLU A 35 -2.71 9.27 -3.57
C GLU A 35 -4.20 9.00 -3.80
N GLY A 36 -4.69 7.87 -3.29
CA GLY A 36 -6.10 7.52 -3.42
C GLY A 36 -7.00 8.52 -2.72
N GLN A 37 -6.68 8.86 -1.48
CA GLN A 37 -7.56 9.71 -0.69
C GLN A 37 -7.52 11.16 -1.17
N MET A 38 -6.36 11.63 -1.65
CA MET A 38 -6.28 12.96 -2.25
C MET A 38 -7.11 12.98 -3.54
N PHE A 39 -7.08 11.89 -4.31
CA PHE A 39 -7.87 11.84 -5.55
C PHE A 39 -9.36 11.92 -5.21
N ARG A 40 -9.82 11.16 -4.21
CA ARG A 40 -11.21 11.28 -3.78
C ARG A 40 -11.56 12.71 -3.38
N LYS A 41 -10.67 13.38 -2.69
CA LYS A 41 -10.92 14.72 -2.16
C LYS A 41 -10.97 15.77 -3.26
N THR A 42 -10.04 15.69 -4.21
CA THR A 42 -9.83 16.79 -5.17
C THR A 42 -10.09 16.46 -6.63
N GLY A 43 -10.19 15.18 -6.98
CA GLY A 43 -10.29 14.78 -8.38
C GLY A 43 -8.97 14.80 -9.14
N ARG A 44 -7.86 15.06 -8.43
CA ARG A 44 -6.52 15.12 -9.03
C ARG A 44 -5.65 14.01 -8.51
N LEU A 45 -5.15 13.19 -9.44
CA LEU A 45 -4.22 12.13 -9.10
C LEU A 45 -2.81 12.64 -9.25
N ILE A 46 -2.09 12.78 -8.13
CA ILE A 46 -0.75 13.34 -8.16
C ILE A 46 0.19 12.37 -7.45
N SER A 47 1.22 11.92 -8.14
CA SER A 47 2.19 11.01 -7.52
C SER A 47 2.94 11.72 -6.41
N LEU A 48 3.08 11.02 -5.28
CA LEU A 48 3.68 11.58 -4.06
C LEU A 48 5.08 11.03 -3.76
N SER A 49 5.84 11.80 -2.99
CA SER A 49 7.26 11.53 -2.76
C SER A 49 7.52 10.55 -1.63
N GLU A 50 7.91 9.33 -2.03
CA GLU A 50 8.40 8.38 -1.06
C GLU A 50 9.68 8.85 -0.37
N GLN A 51 10.54 9.53 -1.16
CA GLN A 51 11.81 9.97 -0.63
C GLN A 51 11.60 10.95 0.53
N ASN A 52 10.59 11.81 0.41
CA ASN A 52 10.24 12.77 1.45
C ASN A 52 9.93 12.01 2.73
N LEU A 53 9.20 10.91 2.62
CA LEU A 53 8.93 10.05 3.77
C LEU A 53 10.19 9.36 4.33
N VAL A 54 11.01 8.79 3.46
CA VAL A 54 12.21 8.08 3.88
C VAL A 54 13.16 9.02 4.63
N ASP A 55 13.36 10.23 4.09
CA ASP A 55 14.32 11.17 4.64
C ASP A 55 13.86 11.89 5.90
N CYS A 56 12.56 12.04 6.09
CA CYS A 56 12.05 13.04 7.04
C CYS A 56 11.21 12.49 8.19
N SER A 57 10.79 11.24 8.14
CA SER A 57 9.85 10.73 9.15
C SER A 57 10.48 9.91 10.29
N GLY A 58 11.77 10.08 10.50
CA GLY A 58 12.41 9.52 11.70
C GLY A 58 11.78 9.90 13.02
N PRO A 59 11.41 11.17 13.21
CA PRO A 59 10.82 11.52 14.52
C PRO A 59 9.55 10.73 14.86
N GLN A 60 8.80 10.34 13.83
CA GLN A 60 7.57 9.57 13.99
C GLN A 60 7.83 8.10 14.19
N GLY A 61 9.09 7.65 14.05
CA GLY A 61 9.47 6.27 14.30
C GLY A 61 9.96 5.48 13.12
N ASN A 62 9.91 6.04 11.92
CA ASN A 62 10.36 5.30 10.73
C ASN A 62 11.88 5.21 10.65
N GLU A 63 12.36 4.18 9.97
CA GLU A 63 13.76 3.86 9.94
C GLU A 63 14.30 3.87 8.49
N GLY A 64 13.80 4.79 7.67
CA GLY A 64 14.39 5.04 6.37
C GLY A 64 14.35 3.83 5.45
N CYS A 65 15.52 3.39 4.99
CA CYS A 65 15.66 2.21 4.16
C CYS A 65 15.77 0.91 4.96
N ASN A 66 15.58 0.99 6.28
CA ASN A 66 15.54 -0.18 7.18
C ASN A 66 14.15 -0.44 7.79
N GLY A 67 13.10 0.02 7.10
CA GLY A 67 11.73 -0.30 7.51
C GLY A 67 11.00 0.85 8.13
N GLY A 68 9.69 0.65 8.29
CA GLY A 68 8.83 1.69 8.84
C GLY A 68 7.39 1.22 8.84
N LEU A 69 6.52 2.11 9.30
CA LEU A 69 5.09 1.84 9.38
C LEU A 69 4.31 2.88 8.61
N MET A 70 3.30 2.41 7.90
CA MET A 70 2.42 3.33 7.18
C MET A 70 1.77 4.34 8.15
N ASP A 71 1.36 3.90 9.34
CA ASP A 71 0.74 4.86 10.24
C ASP A 71 1.72 5.95 10.73
N TYR A 72 2.98 5.59 10.93
CA TYR A 72 4.01 6.59 11.22
C TYR A 72 4.16 7.59 10.07
N ALA A 73 4.11 7.12 8.81
CA ALA A 73 4.13 8.00 7.64
C ALA A 73 2.92 8.95 7.62
N PHE A 74 1.72 8.43 7.94
CA PHE A 74 0.54 9.30 7.97
C PHE A 74 0.65 10.33 9.08
N GLN A 75 1.23 9.93 10.21
CA GLN A 75 1.48 10.86 11.30
C GLN A 75 2.47 11.94 10.90
N TYR A 76 3.54 11.55 10.20
CA TYR A 76 4.47 12.55 9.67
C TYR A 76 3.77 13.60 8.83
N VAL A 77 2.94 13.16 7.88
CA VAL A 77 2.32 14.12 6.97
C VAL A 77 1.47 15.13 7.78
N GLN A 78 0.75 14.63 8.79
CA GLN A 78 -0.04 15.51 9.62
C GLN A 78 0.85 16.47 10.44
N ASP A 79 1.86 15.90 11.13
CA ASP A 79 2.76 16.72 11.94
C ASP A 79 3.44 17.79 11.07
N ASN A 80 3.84 17.39 9.85
CA ASN A 80 4.60 18.24 8.94
C ASN A 80 3.78 19.29 8.22
N GLY A 81 2.47 19.08 8.15
CA GLY A 81 1.60 19.96 7.40
C GLY A 81 1.62 19.79 5.90
N GLY A 82 2.17 18.69 5.42
CA GLY A 82 2.24 18.44 4.00
C GLY A 82 3.18 17.33 3.62
N LEU A 83 3.17 17.07 2.30
CA LEU A 83 4.00 16.08 1.66
C LEU A 83 4.25 16.52 0.21
N ASP A 84 5.51 16.52 -0.21
CA ASP A 84 5.89 16.93 -1.56
C ASP A 84 5.48 15.94 -2.63
N SER A 85 5.30 16.47 -3.83
CA SER A 85 5.08 15.64 -4.98
C SER A 85 6.31 14.78 -5.30
N GLU A 86 6.07 13.66 -5.98
CA GLU A 86 7.13 12.82 -6.50
C GLU A 86 8.02 13.66 -7.44
N GLU A 87 7.39 14.46 -8.32
CA GLU A 87 8.13 15.33 -9.26
C GLU A 87 9.12 16.25 -8.56
N SER A 88 8.67 16.85 -7.45
CA SER A 88 9.48 17.84 -6.73
C SER A 88 10.59 17.24 -5.88
N TYR A 89 10.44 15.98 -5.49
CA TYR A 89 11.31 15.36 -4.51
C TYR A 89 11.46 13.90 -4.93
N PRO A 90 12.25 13.66 -5.99
CA PRO A 90 12.29 12.37 -6.64
C PRO A 90 12.92 11.27 -5.80
N TYR A 91 12.68 10.04 -6.21
CA TYR A 91 13.09 8.88 -5.44
C TYR A 91 14.55 8.50 -5.74
N GLU A 92 15.31 8.33 -4.66
CA GLU A 92 16.74 8.05 -4.70
C GLU A 92 17.12 6.65 -4.22
N ALA A 93 16.24 6.02 -3.46
CA ALA A 93 16.46 4.66 -2.91
C ALA A 93 17.64 4.57 -1.96
N THR A 94 17.98 5.69 -1.33
CA THR A 94 18.95 5.74 -0.25
C THR A 94 18.45 6.76 0.78
N GLU A 95 18.77 6.57 2.05
N GLU A 95 18.82 6.55 2.04
CA GLU A 95 18.31 7.51 3.07
CA GLU A 95 18.51 7.50 3.11
C GLU A 95 19.25 8.74 3.07
C GLU A 95 19.31 8.76 2.91
N GLU A 96 18.65 9.92 2.99
CA GLU A 96 19.37 11.18 2.81
C GLU A 96 18.82 12.20 3.83
N SER A 97 19.45 13.36 3.90
CA SER A 97 18.95 14.39 4.81
C SER A 97 17.57 14.87 4.32
N CYS A 98 16.75 15.30 5.24
CA CYS A 98 15.42 15.78 4.89
C CYS A 98 15.45 17.04 4.07
N LYS A 99 14.81 17.02 2.88
CA LYS A 99 14.77 18.15 1.97
C LYS A 99 13.35 18.64 1.70
N TYR A 100 12.42 18.37 2.61
CA TYR A 100 11.05 18.81 2.41
C TYR A 100 10.99 20.32 2.14
N ASN A 101 10.24 20.68 1.10
CA ASN A 101 9.99 22.06 0.77
C ASN A 101 8.49 22.28 0.71
N PRO A 102 7.95 23.11 1.61
CA PRO A 102 6.51 23.28 1.68
C PRO A 102 5.90 23.91 0.43
N LYS A 103 6.71 24.63 -0.35
CA LYS A 103 6.23 25.18 -1.61
C LYS A 103 5.66 24.10 -2.53
N TYR A 104 6.19 22.89 -2.45
CA TYR A 104 5.81 21.82 -3.39
C TYR A 104 4.94 20.76 -2.70
N SER A 105 4.38 21.11 -1.53
CA SER A 105 3.43 20.21 -0.90
C SER A 105 2.16 20.11 -1.76
N VAL A 106 1.72 18.87 -2.02
CA VAL A 106 0.51 18.63 -2.81
C VAL A 106 -0.48 17.70 -2.09
N ALA A 107 -0.16 17.29 -0.86
CA ALA A 107 -1.03 16.38 -0.07
C ALA A 107 -0.92 16.73 1.38
N ASN A 108 -1.97 16.34 2.10
N ASN A 108 -1.95 16.38 2.14
CA ASN A 108 -2.11 16.57 3.53
CA ASN A 108 -1.97 16.57 3.58
C ASN A 108 -2.90 15.44 4.14
C ASN A 108 -2.93 15.56 4.15
N ASP A 109 -2.80 15.26 5.45
CA ASP A 109 -3.72 14.36 6.13
C ASP A 109 -3.91 14.81 7.57
N THR A 110 -5.01 14.33 8.11
CA THR A 110 -5.52 14.76 9.38
C THR A 110 -5.52 13.63 10.43
N GLY A 111 -4.75 12.58 10.13
CA GLY A 111 -4.71 11.39 10.93
C GLY A 111 -4.90 10.18 10.06
N PHE A 112 -5.31 9.09 10.70
CA PHE A 112 -5.45 7.82 10.03
C PHE A 112 -6.45 6.95 10.81
N VAL A 113 -6.97 5.95 10.12
CA VAL A 113 -7.92 4.97 10.65
C VAL A 113 -7.28 3.60 10.54
N ASP A 114 -7.26 2.86 11.64
CA ASP A 114 -6.84 1.48 11.66
C ASP A 114 -8.09 0.62 11.55
N ILE A 115 -8.11 -0.27 10.59
CA ILE A 115 -9.28 -1.07 10.28
C ILE A 115 -9.34 -2.27 11.22
N PRO A 116 -10.55 -2.67 11.64
CA PRO A 116 -10.65 -3.90 12.47
C PRO A 116 -9.96 -5.08 11.76
N LYS A 117 -9.40 -5.97 12.57
CA LYS A 117 -8.49 -7.00 12.09
C LYS A 117 -9.18 -8.23 11.54
N GLN A 118 -10.09 -8.00 10.60
CA GLN A 118 -10.79 -9.09 9.93
C GLN A 118 -10.99 -8.75 8.46
N GLU A 119 -11.02 -9.77 7.60
CA GLU A 119 -11.20 -9.57 6.16
C GLU A 119 -12.55 -8.99 5.79
N LYS A 120 -13.63 -9.28 6.52
CA LYS A 120 -14.92 -8.66 6.22
CA LYS A 120 -14.92 -8.65 6.23
C LYS A 120 -14.85 -7.14 6.45
N ALA A 121 -14.17 -6.73 7.52
CA ALA A 121 -13.97 -5.28 7.76
C ALA A 121 -13.06 -4.66 6.71
N LEU A 122 -12.03 -5.39 6.30
CA LEU A 122 -11.17 -4.87 5.23
C LEU A 122 -11.96 -4.69 3.93
N MET A 123 -12.84 -5.65 3.61
CA MET A 123 -13.63 -5.53 2.39
C MET A 123 -14.52 -4.29 2.46
N LYS A 124 -15.19 -4.08 3.59
CA LYS A 124 -16.04 -2.89 3.77
C LYS A 124 -15.25 -1.59 3.57
N ALA A 125 -14.03 -1.56 4.11
CA ALA A 125 -13.18 -0.38 3.98
C ALA A 125 -12.78 -0.17 2.53
N VAL A 126 -12.31 -1.21 1.86
CA VAL A 126 -11.93 -1.07 0.47
C VAL A 126 -13.13 -0.58 -0.38
N ALA A 127 -14.31 -1.14 -0.14
CA ALA A 127 -15.50 -0.76 -0.93
C ALA A 127 -15.91 0.71 -0.75
N THR A 128 -15.68 1.24 0.46
CA THR A 128 -16.21 2.55 0.79
C THR A 128 -15.18 3.67 0.84
N VAL A 129 -13.90 3.33 0.98
CA VAL A 129 -12.85 4.35 1.21
C VAL A 129 -11.99 4.59 -0.02
N GLY A 130 -11.55 3.51 -0.66
CA GLY A 130 -10.50 3.56 -1.65
C GLY A 130 -9.40 2.57 -1.32
N PRO A 131 -8.24 2.74 -1.98
CA PRO A 131 -7.12 1.89 -1.69
C PRO A 131 -6.66 1.98 -0.23
N ILE A 132 -6.28 0.82 0.32
CA ILE A 132 -5.97 0.69 1.73
C ILE A 132 -4.55 0.16 1.90
N SER A 133 -3.78 0.78 2.78
CA SER A 133 -2.45 0.25 3.15
C SER A 133 -2.61 -1.01 4.00
N VAL A 134 -1.85 -2.06 3.68
CA VAL A 134 -1.88 -3.32 4.40
C VAL A 134 -0.48 -3.87 4.57
N ALA A 135 -0.35 -4.62 5.66
CA ALA A 135 0.81 -5.42 5.95
C ALA A 135 0.58 -6.86 5.53
N ILE A 136 1.58 -7.48 4.92
CA ILE A 136 1.54 -8.91 4.60
C ILE A 136 2.85 -9.60 4.95
N ASP A 137 2.74 -10.91 5.14
CA ASP A 137 3.90 -11.78 5.20
C ASP A 137 4.31 -12.09 3.77
N ALA A 138 5.34 -11.38 3.30
CA ALA A 138 5.97 -11.56 1.98
C ALA A 138 7.25 -12.42 2.06
N GLY A 139 7.50 -13.03 3.21
CA GLY A 139 8.79 -13.70 3.50
C GLY A 139 8.88 -15.15 3.04
N HIS A 140 8.37 -15.41 1.83
CA HIS A 140 8.51 -16.72 1.21
C HIS A 140 8.93 -16.53 -0.23
N GLU A 141 9.79 -17.40 -0.75
CA GLU A 141 10.21 -17.21 -2.14
C GLU A 141 9.08 -17.38 -3.14
N SER A 142 8.01 -18.08 -2.72
CA SER A 142 6.81 -18.16 -3.57
C SER A 142 6.29 -16.74 -3.93
N PHE A 143 6.43 -15.80 -2.99
CA PHE A 143 6.01 -14.42 -3.23
C PHE A 143 7.02 -13.69 -4.15
N LEU A 144 8.30 -13.88 -3.86
CA LEU A 144 9.37 -13.26 -4.65
C LEU A 144 9.23 -13.59 -6.14
N PHE A 145 8.88 -14.85 -6.42
CA PHE A 145 8.81 -15.35 -7.79
C PHE A 145 7.38 -15.48 -8.31
N TYR A 146 6.42 -14.82 -7.64
CA TYR A 146 5.04 -14.80 -8.11
C TYR A 146 4.94 -14.18 -9.51
N LYS A 147 4.14 -14.81 -10.36
CA LYS A 147 3.94 -14.33 -11.74
C LYS A 147 2.48 -13.97 -12.06
N GLU A 148 1.55 -14.86 -11.75
CA GLU A 148 0.14 -14.65 -12.11
C GLU A 148 -0.79 -15.53 -11.29
N GLY A 149 -2.09 -15.24 -11.38
CA GLY A 149 -3.11 -16.03 -10.71
C GLY A 149 -3.26 -15.65 -9.24
N ILE A 150 -4.03 -16.44 -8.50
CA ILE A 150 -4.23 -16.19 -7.08
C ILE A 150 -3.09 -16.76 -6.25
N TYR A 151 -2.41 -15.88 -5.53
CA TYR A 151 -1.33 -16.29 -4.64
C TYR A 151 -1.86 -16.92 -3.37
N PHE A 152 -1.47 -18.18 -3.14
CA PHE A 152 -1.74 -18.86 -1.89
C PHE A 152 -0.50 -19.61 -1.41
N GLU A 153 -0.07 -19.35 -0.18
CA GLU A 153 1.14 -19.91 0.40
C GLU A 153 0.74 -20.56 1.72
N PRO A 154 0.70 -21.91 1.74
CA PRO A 154 0.35 -22.61 2.97
C PRO A 154 1.12 -22.24 4.24
N ASP A 155 2.37 -21.77 4.11
CA ASP A 155 3.18 -21.43 5.30
C ASP A 155 3.08 -19.95 5.67
N CYS A 156 2.18 -19.22 5.02
CA CYS A 156 2.07 -17.79 5.28
C CYS A 156 1.59 -17.54 6.71
N SER A 157 2.14 -16.52 7.35
CA SER A 157 1.72 -16.13 8.69
C SER A 157 0.64 -15.07 8.63
N SER A 158 -0.36 -15.21 9.49
CA SER A 158 -1.36 -14.15 9.71
C SER A 158 -0.97 -13.13 10.80
N GLU A 159 0.15 -13.35 11.48
CA GLU A 159 0.61 -12.51 12.60
C GLU A 159 1.96 -11.82 12.39
N ASP A 160 2.82 -12.39 11.55
CA ASP A 160 4.19 -11.92 11.36
C ASP A 160 4.38 -11.33 9.97
N MET A 161 3.96 -10.09 9.83
CA MET A 161 4.03 -9.40 8.55
C MET A 161 5.34 -8.62 8.42
N ASP A 162 5.84 -8.53 7.19
CA ASP A 162 7.13 -7.92 6.90
C ASP A 162 7.19 -7.08 5.63
N HIS A 163 6.04 -6.72 5.07
CA HIS A 163 6.01 -5.98 3.82
C HIS A 163 4.72 -5.17 3.76
N GLY A 164 4.86 -3.88 3.47
CA GLY A 164 3.72 -3.01 3.32
C GLY A 164 3.37 -2.82 1.90
N VAL A 165 2.10 -3.01 1.56
CA VAL A 165 1.61 -2.92 0.18
C VAL A 165 0.24 -2.22 0.17
N LEU A 166 -0.47 -2.24 -0.96
CA LEU A 166 -1.67 -1.46 -1.11
C LEU A 166 -2.77 -2.32 -1.70
N VAL A 167 -3.89 -2.45 -1.01
CA VAL A 167 -5.06 -3.13 -1.59
C VAL A 167 -5.84 -2.10 -2.39
N VAL A 168 -6.00 -2.36 -3.69
CA VAL A 168 -6.73 -1.48 -4.58
C VAL A 168 -8.10 -2.02 -4.98
N GLY A 169 -8.44 -3.23 -4.53
CA GLY A 169 -9.71 -3.81 -4.90
C GLY A 169 -9.78 -5.24 -4.44
N TYR A 170 -10.82 -5.93 -4.91
CA TYR A 170 -11.00 -7.35 -4.64
C TYR A 170 -11.98 -7.91 -5.67
N GLY A 171 -12.06 -9.22 -5.75
CA GLY A 171 -12.92 -9.85 -6.74
C GLY A 171 -12.82 -11.34 -6.65
N PHE A 172 -13.24 -11.97 -7.74
CA PHE A 172 -13.28 -13.42 -7.85
C PHE A 172 -12.97 -13.84 -9.30
N GLU A 173 -12.28 -14.96 -9.42
CA GLU A 173 -12.01 -15.60 -10.70
C GLU A 173 -13.14 -16.58 -10.97
N SER A 174 -13.54 -16.68 -12.23
CA SER A 174 -14.57 -17.64 -12.60
C SER A 174 -13.86 -18.76 -13.32
N THR A 175 -13.39 -19.75 -12.55
CA THR A 175 -12.60 -20.87 -13.06
C THR A 175 -13.21 -22.21 -12.62
N SER A 177 -10.48 -22.97 -8.58
CA SER A 177 -11.87 -23.30 -8.92
C SER A 177 -12.73 -23.30 -7.66
N ASP A 178 -12.40 -24.16 -6.69
CA ASP A 178 -13.09 -24.13 -5.40
C ASP A 178 -12.78 -22.87 -4.59
N ASN A 179 -11.53 -22.41 -4.65
CA ASN A 179 -11.17 -21.16 -3.96
C ASN A 179 -10.81 -20.13 -4.99
N ASN A 180 -11.63 -19.08 -5.10
CA ASN A 180 -11.51 -18.19 -6.25
C ASN A 180 -11.55 -16.69 -5.95
N LYS A 181 -11.59 -16.33 -4.67
CA LYS A 181 -11.65 -14.89 -4.29
C LYS A 181 -10.27 -14.32 -4.02
N TYR A 182 -10.09 -13.06 -4.39
CA TYR A 182 -8.79 -12.41 -4.18
C TYR A 182 -8.90 -10.94 -3.80
N TRP A 183 -7.83 -10.47 -3.14
CA TRP A 183 -7.51 -9.06 -2.97
C TRP A 183 -6.58 -8.64 -4.12
N LEU A 184 -6.89 -7.51 -4.74
N LEU A 184 -6.89 -7.48 -4.71
CA LEU A 184 -6.02 -6.93 -5.76
CA LEU A 184 -6.05 -6.86 -5.75
C LEU A 184 -5.03 -6.03 -5.05
C LEU A 184 -5.00 -5.95 -5.13
N VAL A 185 -3.76 -6.40 -5.12
CA VAL A 185 -2.69 -5.75 -4.37
C VAL A 185 -1.61 -5.16 -5.29
N LYS A 186 -1.35 -3.87 -5.10
CA LYS A 186 -0.30 -3.15 -5.80
C LYS A 186 0.97 -3.29 -4.97
N ASN A 187 2.02 -3.82 -5.59
CA ASN A 187 3.34 -3.92 -4.96
C ASN A 187 4.20 -2.73 -5.42
N SER A 188 5.42 -2.65 -4.89
CA SER A 188 6.36 -1.59 -5.22
C SER A 188 7.70 -2.18 -5.66
N TRP A 189 7.62 -3.24 -6.49
CA TRP A 189 8.78 -3.97 -6.99
C TRP A 189 8.89 -3.85 -8.50
N GLY A 190 8.29 -2.80 -9.06
CA GLY A 190 8.30 -2.58 -10.50
C GLY A 190 7.25 -3.40 -11.24
N GLU A 191 7.08 -3.05 -12.51
CA GLU A 191 6.08 -3.70 -13.37
C GLU A 191 6.41 -5.12 -13.83
N GLU A 192 7.71 -5.45 -13.77
N GLU A 192 7.67 -5.52 -13.76
CA GLU A 192 8.23 -6.77 -14.16
CA GLU A 192 8.04 -6.85 -14.24
C GLU A 192 7.73 -7.87 -13.25
C GLU A 192 7.97 -7.93 -13.17
N TRP A 193 7.54 -7.55 -11.96
CA TRP A 193 7.17 -8.51 -10.95
C TRP A 193 5.66 -8.77 -11.02
N GLY A 194 5.26 -10.03 -10.87
CA GLY A 194 3.83 -10.37 -10.82
C GLY A 194 3.06 -9.97 -12.07
N MET A 195 1.81 -9.54 -11.90
CA MET A 195 0.93 -9.17 -12.99
C MET A 195 1.01 -7.68 -13.19
N GLY A 196 2.01 -7.26 -13.95
CA GLY A 196 2.27 -5.86 -14.15
C GLY A 196 2.55 -5.14 -12.85
N GLY A 197 3.11 -5.85 -11.85
CA GLY A 197 3.42 -5.26 -10.55
C GLY A 197 2.41 -5.50 -9.46
N TYR A 198 1.31 -6.17 -9.82
CA TYR A 198 0.19 -6.51 -8.94
C TYR A 198 0.19 -7.99 -8.59
N VAL A 199 -0.45 -8.32 -7.47
CA VAL A 199 -0.65 -9.68 -7.08
C VAL A 199 -2.08 -9.84 -6.62
N LYS A 200 -2.70 -10.91 -7.08
N LYS A 200 -2.72 -10.93 -7.02
CA LYS A 200 -3.99 -11.34 -6.59
CA LYS A 200 -4.02 -11.30 -6.49
C LYS A 200 -3.69 -12.23 -5.38
C LYS A 200 -3.76 -12.16 -5.25
N MET A 201 -3.97 -11.71 -4.18
N MET A 201 -4.11 -11.68 -4.05
CA MET A 201 -3.75 -12.42 -2.92
CA MET A 201 -3.79 -12.45 -2.88
C MET A 201 -5.03 -13.15 -2.50
C MET A 201 -5.03 -13.11 -2.35
N ALA A 202 -4.92 -14.40 -2.04
CA ALA A 202 -6.08 -15.17 -1.57
C ALA A 202 -6.91 -14.43 -0.52
N LYS A 203 -8.21 -14.36 -0.79
CA LYS A 203 -9.16 -13.62 0.07
C LYS A 203 -10.15 -14.59 0.70
N ASP A 204 -10.50 -14.28 1.93
CA ASP A 204 -11.45 -15.06 2.74
C ASP A 204 -10.98 -16.49 2.96
N ARG A 205 -9.66 -16.64 3.11
CA ARG A 205 -9.04 -17.91 3.47
C ARG A 205 -8.24 -17.70 4.75
N ARG A 206 -8.94 -17.39 5.83
CA ARG A 206 -8.36 -17.27 7.16
CA ARG A 206 -8.35 -17.25 7.17
C ARG A 206 -7.26 -16.19 7.22
N ASN A 207 -7.55 -15.03 6.64
CA ASN A 207 -6.64 -13.87 6.74
C ASN A 207 -5.25 -14.25 6.24
N HIS A 208 -5.22 -14.74 5.01
N HIS A 208 -5.23 -14.82 5.04
CA HIS A 208 -4.02 -15.29 4.47
CA HIS A 208 -4.01 -15.30 4.39
C HIS A 208 -2.89 -14.25 4.33
C HIS A 208 -2.91 -14.24 4.36
N CYS A 209 -1.73 -14.62 4.86
CA CYS A 209 -0.57 -13.73 4.93
C CYS A 209 -0.77 -12.46 5.79
N GLY A 210 -1.83 -12.42 6.58
CA GLY A 210 -2.04 -11.35 7.54
C GLY A 210 -2.55 -10.06 6.95
N ILE A 211 -3.13 -10.16 5.75
CA ILE A 211 -3.54 -8.99 4.98
C ILE A 211 -4.53 -8.08 5.70
N ALA A 212 -5.33 -8.62 6.61
CA ALA A 212 -6.26 -7.81 7.41
C ALA A 212 -5.70 -7.46 8.79
N SER A 213 -4.48 -7.87 9.11
CA SER A 213 -3.96 -7.70 10.47
C SER A 213 -3.46 -6.31 10.84
N ALA A 214 -3.07 -5.52 9.83
CA ALA A 214 -2.58 -4.17 10.06
C ALA A 214 -2.88 -3.27 8.87
N ALA A 215 -4.17 -3.10 8.61
CA ALA A 215 -4.67 -2.31 7.49
C ALA A 215 -5.07 -0.91 7.97
N SER A 216 -4.76 0.11 7.18
CA SER A 216 -5.05 1.46 7.60
C SER A 216 -5.08 2.38 6.39
N TYR A 217 -5.57 3.60 6.61
CA TYR A 217 -5.60 4.62 5.59
C TYR A 217 -5.59 5.99 6.25
N PRO A 218 -5.16 7.02 5.49
CA PRO A 218 -5.15 8.37 6.05
C PRO A 218 -6.50 9.07 5.88
N THR A 219 -6.83 9.95 6.81
CA THR A 219 -7.96 10.85 6.64
C THR A 219 -7.46 12.16 6.05
N VAL A 220 -8.25 12.79 5.19
CA VAL A 220 -7.79 13.97 4.44
C VAL A 220 -8.80 15.11 4.53
#